data_9UJZ
#
_entry.id   9UJZ
#
_cell.length_a   77.560
_cell.length_b   99.050
_cell.length_c   80.500
_cell.angle_alpha   90.00
_cell.angle_beta   90.00
_cell.angle_gamma   90.00
#
_symmetry.space_group_name_H-M   'C 2 2 21'
#
loop_
_entity.id
_entity.type
_entity.pdbx_description
1 polymer 'WD repeat-containing protein 5'
2 polymer ACE-MET-ARG-THR-GLU-PRO-ARG-PRO-NH2
3 water water
#
loop_
_entity_poly.entity_id
_entity_poly.type
_entity_poly.pdbx_seq_one_letter_code
_entity_poly.pdbx_strand_id
1 'polypeptide(L)'
;SATQSKPTPVKPNYALKFTLAGHTKAVSSVKFSPNGEWLASSSADKLIKIWGAYDGKFEKTISGHKLGISDVAWSSDSNL
LVSASDDKTLKIWDVSSGKCLKTLKGHSNYVFCCNFNPQSNLIVSGSFDESVRIWDVKTGKCLKTLPAHSDPVSAVHFNR
DGSLIVSSSYDGLCRIWDTASGQCLKTLIDDDNPPVSFVKFSPNGKYILAATLDNTLKLWDYSKGKCLKTYTGHKNEKYC
IFANFSVTGGKWIVSGSEDNLVYIWNLQTKEIVQKLQGHTDVVISTACHPTENIIASAALENDKTIKLWKSDC
;
A
2 'polypeptide(L)' (ACE)MRTEPRP(NH2) B
#
loop_
_chem_comp.id
_chem_comp.type
_chem_comp.name
_chem_comp.formula
ACE non-polymer 'ACETYL GROUP' 'C2 H4 O'
NH2 non-polymer 'AMINO GROUP' 'H2 N'
#
# COMPACT_ATOMS: atom_id res chain seq x y z
N VAL A 10 -5.17 -8.61 24.78
CA VAL A 10 -6.24 -9.28 24.03
C VAL A 10 -6.82 -8.40 22.95
N LYS A 11 -7.26 -7.21 23.30
CA LYS A 11 -7.90 -6.34 22.33
C LYS A 11 -7.38 -4.92 22.37
N PRO A 12 -7.33 -4.28 21.21
CA PRO A 12 -6.88 -2.90 21.17
C PRO A 12 -7.97 -1.89 21.55
N ASN A 13 -7.61 -0.67 21.92
CA ASN A 13 -8.62 0.35 22.19
C ASN A 13 -8.17 1.53 21.33
N TYR A 14 -8.55 1.49 20.07
CA TYR A 14 -8.19 2.57 19.15
C TYR A 14 -9.34 3.57 19.18
N ALA A 15 -9.01 4.83 19.41
CA ALA A 15 -9.99 5.90 19.49
C ALA A 15 -9.62 7.00 18.51
N LEU A 16 -10.63 7.66 17.97
CA LEU A 16 -10.39 8.70 16.99
C LEU A 16 -9.75 9.91 17.67
N LYS A 17 -8.65 10.39 17.10
CA LYS A 17 -7.99 11.58 17.58
C LYS A 17 -8.14 12.75 16.61
N PHE A 18 -7.79 12.56 15.35
CA PHE A 18 -7.76 13.67 14.39
C PHE A 18 -8.43 13.24 13.11
N THR A 19 -9.05 14.19 12.45
CA THR A 19 -9.60 13.95 11.15
C THR A 19 -8.87 14.98 10.30
N LEU A 20 -8.21 14.49 9.25
CA LEU A 20 -7.44 15.38 8.39
C LEU A 20 -8.19 15.66 7.12
N ALA A 21 -8.34 16.93 6.78
CA ALA A 21 -9.03 17.30 5.57
C ALA A 21 -8.25 18.13 4.62
N GLY A 22 -8.58 17.99 3.34
CA GLY A 22 -7.97 18.80 2.34
C GLY A 22 -7.73 18.28 0.98
N HIS A 23 -7.73 16.98 0.84
CA HIS A 23 -7.67 16.42 -0.47
C HIS A 23 -9.02 16.75 -1.10
N THR A 24 -9.01 17.22 -2.33
CA THR A 24 -10.23 17.65 -3.01
C THR A 24 -10.99 16.52 -3.68
N LYS A 25 -10.38 15.36 -3.74
CA LYS A 25 -11.01 14.17 -4.30
C LYS A 25 -10.65 12.99 -3.42
N ALA A 26 -11.17 11.81 -3.78
CA ALA A 26 -10.95 10.61 -3.00
C ALA A 26 -9.47 10.45 -2.69
N VAL A 27 -9.17 10.06 -1.45
CA VAL A 27 -7.80 9.69 -1.08
C VAL A 27 -7.55 8.27 -1.57
N SER A 28 -6.31 7.99 -1.99
CA SER A 28 -5.93 6.65 -2.44
C SER A 28 -4.97 5.94 -1.50
N SER A 29 -4.16 6.66 -0.74
CA SER A 29 -3.10 5.98 -0.02
C SER A 29 -2.59 6.88 1.10
N VAL A 30 -2.34 6.29 2.27
CA VAL A 30 -1.63 6.96 3.35
C VAL A 30 -0.52 6.05 3.84
N LYS A 31 0.64 6.65 4.16
CA LYS A 31 1.81 5.91 4.59
C LYS A 31 2.56 6.72 5.62
N PHE A 32 2.97 6.07 6.71
CA PHE A 32 3.84 6.70 7.70
C PHE A 32 5.30 6.61 7.25
N SER A 33 6.02 7.72 7.36
CA SER A 33 7.45 7.68 7.12
C SER A 33 8.14 6.72 8.09
N PRO A 34 9.21 6.04 7.63
CA PRO A 34 9.90 5.09 8.52
C PRO A 34 10.40 5.69 9.82
N ASN A 35 10.73 6.99 9.86
CA ASN A 35 11.17 7.62 11.08
C ASN A 35 10.02 8.11 11.94
N GLY A 36 8.77 7.80 11.56
CA GLY A 36 7.64 8.08 12.42
C GLY A 36 7.25 9.54 12.55
N GLU A 37 7.90 10.45 11.82
CA GLU A 37 7.58 11.87 11.95
C GLU A 37 6.35 12.25 11.13
N TRP A 38 6.21 11.71 9.92
CA TRP A 38 5.28 12.22 8.94
C TRP A 38 4.31 11.15 8.48
N LEU A 39 3.18 11.63 7.97
CA LEU A 39 2.24 10.84 7.19
C LEU A 39 2.12 11.45 5.81
N ALA A 40 2.30 10.65 4.78
CA ALA A 40 2.09 11.09 3.41
C ALA A 40 0.79 10.49 2.90
N SER A 41 0.02 11.31 2.21
CA SER A 41 -1.18 10.86 1.54
C SER A 41 -1.07 11.17 0.05
N SER A 42 -1.71 10.33 -0.74
CA SER A 42 -1.85 10.56 -2.17
C SER A 42 -3.33 10.49 -2.48
N SER A 43 -3.72 11.01 -3.63
CA SER A 43 -5.14 11.21 -3.86
C SER A 43 -5.44 11.32 -5.35
N ALA A 44 -6.69 10.97 -5.70
CA ALA A 44 -7.21 11.17 -7.05
C ALA A 44 -7.19 12.64 -7.46
N ASP A 45 -6.92 13.56 -6.53
CA ASP A 45 -6.85 14.97 -6.87
C ASP A 45 -5.49 15.40 -7.43
N LYS A 46 -4.60 14.44 -7.70
CA LYS A 46 -3.27 14.58 -8.31
C LYS A 46 -2.25 15.06 -7.29
N LEU A 47 -2.64 15.23 -6.04
CA LEU A 47 -1.76 15.83 -5.05
C LEU A 47 -1.26 14.79 -4.06
N ILE A 48 -0.06 15.06 -3.53
CA ILE A 48 0.51 14.37 -2.38
C ILE A 48 0.52 15.38 -1.23
N LYS A 49 0.08 14.96 -0.06
CA LYS A 49 0.06 15.83 1.10
C LYS A 49 0.84 15.21 2.24
N ILE A 50 1.47 16.05 3.05
CA ILE A 50 2.33 15.64 4.16
C ILE A 50 1.73 16.17 5.46
N TRP A 51 1.53 15.30 6.43
CA TRP A 51 0.93 15.65 7.71
C TRP A 51 1.85 15.21 8.85
N GLY A 52 1.78 15.93 9.97
CA GLY A 52 2.50 15.49 11.16
C GLY A 52 1.89 14.19 11.69
N ALA A 53 2.74 13.20 12.00
CA ALA A 53 2.25 11.86 12.30
C ALA A 53 1.47 11.81 13.60
N TYR A 54 1.77 12.70 14.53
CA TYR A 54 1.24 12.63 15.88
C TYR A 54 0.08 13.59 16.12
N ASP A 55 0.18 14.84 15.62
CA ASP A 55 -0.88 15.82 15.80
C ASP A 55 -1.71 16.01 14.55
N GLY A 56 -1.41 15.29 13.46
CA GLY A 56 -2.11 15.48 12.20
C GLY A 56 -2.01 16.87 11.60
N LYS A 57 -1.01 17.64 11.99
CA LYS A 57 -0.91 19.02 11.55
C LYS A 57 -0.38 19.03 10.13
N PHE A 58 -1.13 19.65 9.23
CA PHE A 58 -0.74 19.74 7.82
C PHE A 58 0.65 20.34 7.70
N GLU A 59 1.46 19.79 6.78
CA GLU A 59 2.81 20.27 6.54
C GLU A 59 2.90 20.96 5.17
N LYS A 60 2.77 20.21 4.07
CA LYS A 60 2.89 20.81 2.75
C LYS A 60 2.14 19.94 1.75
N THR A 61 1.93 20.50 0.56
CA THR A 61 1.39 19.78 -0.59
C THR A 61 2.50 19.59 -1.62
N ILE A 62 2.50 18.44 -2.27
CA ILE A 62 3.51 18.09 -3.27
C ILE A 62 2.79 17.74 -4.56
N SER A 63 3.07 18.50 -5.62
CA SER A 63 2.27 18.44 -6.85
C SER A 63 3.18 18.31 -8.07
N GLY A 64 2.56 17.98 -9.20
CA GLY A 64 3.32 17.73 -10.40
C GLY A 64 2.81 16.59 -11.27
N HIS A 65 2.02 15.68 -10.69
CA HIS A 65 1.42 14.62 -11.49
C HIS A 65 0.27 15.26 -12.27
N LYS A 66 0.03 14.73 -13.46
CA LYS A 66 -0.95 15.29 -14.38
C LYS A 66 -2.31 14.64 -14.27
N LEU A 67 -2.37 13.45 -13.68
CA LEU A 67 -3.62 12.73 -13.43
C LEU A 67 -3.52 12.16 -12.02
N GLY A 68 -4.64 11.61 -11.53
CA GLY A 68 -4.71 11.04 -10.19
C GLY A 68 -3.60 10.08 -9.79
N ILE A 69 -3.32 10.02 -8.49
CA ILE A 69 -2.28 9.17 -7.90
C ILE A 69 -2.95 8.02 -7.17
N SER A 70 -2.46 6.79 -7.38
CA SER A 70 -3.00 5.64 -6.68
C SER A 70 -2.14 5.13 -5.54
N ASP A 71 -0.90 5.59 -5.42
CA ASP A 71 -0.01 5.05 -4.39
C ASP A 71 1.15 6.02 -4.15
N VAL A 72 1.67 5.99 -2.92
CA VAL A 72 2.85 6.75 -2.54
C VAL A 72 3.60 5.93 -1.50
N ALA A 73 4.93 6.07 -1.47
CA ALA A 73 5.78 5.22 -0.65
C ALA A 73 7.06 5.96 -0.26
N TRP A 74 7.52 5.73 0.97
CA TRP A 74 8.72 6.38 1.51
C TRP A 74 10.00 5.59 1.26
N SER A 75 11.11 6.32 1.10
CA SER A 75 12.43 5.71 1.17
C SER A 75 12.77 5.41 2.62
N SER A 76 13.76 4.53 2.82
CA SER A 76 14.09 4.08 4.17
C SER A 76 14.45 5.24 5.08
N ASP A 77 15.04 6.29 4.53
CA ASP A 77 15.51 7.40 5.33
C ASP A 77 14.46 8.49 5.50
N SER A 78 13.22 8.23 5.11
CA SER A 78 12.11 9.19 5.23
C SER A 78 12.40 10.51 4.50
N ASN A 79 13.31 10.49 3.53
CA ASN A 79 13.69 11.67 2.76
C ASN A 79 12.96 11.77 1.42
N LEU A 80 12.71 10.64 0.77
CA LEU A 80 12.12 10.63 -0.56
C LEU A 80 10.75 9.96 -0.55
N LEU A 81 10.01 10.22 -1.61
CA LEU A 81 8.72 9.60 -1.87
C LEU A 81 8.68 9.19 -3.33
N VAL A 82 8.01 8.07 -3.58
CA VAL A 82 7.67 7.69 -4.95
C VAL A 82 6.16 7.59 -5.04
N SER A 83 5.61 8.02 -6.16
CA SER A 83 4.17 8.04 -6.34
C SER A 83 3.87 7.42 -7.68
N ALA A 84 2.74 6.72 -7.76
CA ALA A 84 2.29 6.04 -8.97
C ALA A 84 0.99 6.68 -9.43
N SER A 85 0.93 7.10 -10.70
CA SER A 85 -0.19 7.93 -11.14
C SER A 85 -0.82 7.39 -12.42
N ASP A 86 -2.08 7.78 -12.63
CA ASP A 86 -2.77 7.46 -13.88
C ASP A 86 -2.08 8.10 -15.08
N ASP A 87 -1.23 9.11 -14.87
CA ASP A 87 -0.49 9.71 -15.99
C ASP A 87 0.63 8.80 -16.52
N LYS A 88 0.68 7.56 -16.04
CA LYS A 88 1.56 6.51 -16.51
C LYS A 88 2.99 6.73 -16.07
N THR A 89 3.21 7.62 -15.11
CA THR A 89 4.53 7.85 -14.56
C THR A 89 4.55 7.50 -13.08
N LEU A 90 5.77 7.30 -12.58
CA LEU A 90 6.09 7.48 -11.19
C LEU A 90 6.95 8.72 -11.05
N LYS A 91 6.91 9.34 -9.88
CA LYS A 91 7.76 10.49 -9.62
C LYS A 91 8.51 10.28 -8.31
N ILE A 92 9.80 10.61 -8.30
CA ILE A 92 10.61 10.56 -7.09
C ILE A 92 10.70 11.98 -6.55
N TRP A 93 10.20 12.18 -5.34
CA TRP A 93 10.14 13.48 -4.72
C TRP A 93 11.16 13.56 -3.59
N ASP A 94 11.82 14.71 -3.47
CA ASP A 94 12.53 15.06 -2.26
C ASP A 94 11.53 15.77 -1.36
N VAL A 95 11.25 15.20 -0.20
CA VAL A 95 10.13 15.68 0.61
C VAL A 95 10.42 17.07 1.16
N SER A 96 11.64 17.32 1.64
CA SER A 96 11.88 18.59 2.33
C SER A 96 11.90 19.77 1.37
N SER A 97 12.43 19.58 0.16
CA SER A 97 12.46 20.64 -0.83
C SER A 97 11.24 20.62 -1.74
N GLY A 98 10.49 19.53 -1.78
CA GLY A 98 9.32 19.40 -2.63
C GLY A 98 9.61 19.17 -4.10
N LYS A 99 10.87 18.99 -4.48
CA LYS A 99 11.24 18.84 -5.88
C LYS A 99 10.90 17.46 -6.40
N CYS A 100 10.37 17.40 -7.62
CA CYS A 100 10.37 16.17 -8.38
C CYS A 100 11.79 15.88 -8.86
N LEU A 101 12.41 14.82 -8.32
CA LEU A 101 13.78 14.53 -8.72
C LEU A 101 13.83 13.78 -10.03
N LYS A 102 12.95 12.80 -10.21
CA LYS A 102 12.91 11.98 -11.41
C LYS A 102 11.46 11.68 -11.75
N THR A 103 11.18 11.61 -13.05
CA THR A 103 9.89 11.14 -13.53
C THR A 103 10.14 9.87 -14.32
N LEU A 104 9.74 8.74 -13.74
CA LEU A 104 9.98 7.42 -14.33
C LEU A 104 8.91 7.13 -15.39
N LYS A 105 9.33 7.06 -16.65
CA LYS A 105 8.43 6.74 -17.74
C LYS A 105 8.89 5.44 -18.39
N GLY A 106 7.93 4.66 -18.87
CA GLY A 106 8.18 3.32 -19.35
C GLY A 106 6.98 2.40 -19.21
N HIS A 107 6.07 2.73 -18.30
CA HIS A 107 4.84 1.97 -18.21
C HIS A 107 3.93 2.43 -19.35
N SER A 108 3.15 1.50 -19.88
CA SER A 108 2.23 1.81 -20.97
C SER A 108 0.79 1.99 -20.50
N ASN A 109 0.52 1.86 -19.21
CA ASN A 109 -0.79 2.15 -18.67
C ASN A 109 -0.63 2.66 -17.25
N TYR A 110 -1.75 3.08 -16.65
CA TYR A 110 -1.75 3.66 -15.31
C TYR A 110 -0.82 2.91 -14.38
N VAL A 111 -0.02 3.63 -13.61
CA VAL A 111 0.79 3.00 -12.57
C VAL A 111 -0.04 3.00 -11.30
N PHE A 112 -0.19 1.81 -10.71
CA PHE A 112 -1.12 1.57 -9.63
C PHE A 112 -0.45 1.49 -8.26
N CYS A 113 0.75 0.93 -8.19
CA CYS A 113 1.37 0.61 -6.91
C CYS A 113 2.87 0.85 -7.01
N CYS A 114 3.51 1.08 -5.86
CA CYS A 114 4.94 1.38 -5.90
C CYS A 114 5.55 1.22 -4.50
N ASN A 115 6.85 0.96 -4.48
CA ASN A 115 7.59 0.78 -3.23
C ASN A 115 9.07 0.92 -3.52
N PHE A 116 9.80 1.50 -2.56
CA PHE A 116 11.25 1.40 -2.52
C PHE A 116 11.65 0.04 -1.94
N ASN A 117 12.84 -0.43 -2.32
CA ASN A 117 13.46 -1.54 -1.62
C ASN A 117 14.08 -1.05 -0.32
N PRO A 118 14.40 -1.98 0.59
CA PRO A 118 14.89 -1.51 1.89
C PRO A 118 16.14 -0.65 1.84
N GLN A 119 16.86 -0.65 0.73
CA GLN A 119 18.01 0.22 0.55
C GLN A 119 17.64 1.54 -0.15
N SER A 120 16.45 1.65 -0.74
CA SER A 120 15.96 2.89 -1.42
C SER A 120 16.87 3.24 -2.57
N ASN A 121 17.45 2.22 -3.20
CA ASN A 121 18.25 2.42 -4.38
C ASN A 121 17.44 1.93 -5.56
N LEU A 122 16.39 1.17 -5.29
CA LEU A 122 15.51 0.66 -6.33
C LEU A 122 14.06 0.98 -6.00
N ILE A 123 13.25 1.13 -7.04
CA ILE A 123 11.81 1.25 -6.92
C ILE A 123 11.17 0.13 -7.73
N VAL A 124 10.12 -0.48 -7.17
CA VAL A 124 9.30 -1.41 -7.91
C VAL A 124 7.93 -0.79 -8.12
N SER A 125 7.34 -1.06 -9.29
CA SER A 125 6.07 -0.52 -9.69
C SER A 125 5.24 -1.59 -10.37
N GLY A 126 3.93 -1.52 -10.18
CA GLY A 126 2.98 -2.30 -10.97
C GLY A 126 2.00 -1.39 -11.68
N SER A 127 1.44 -1.90 -12.79
CA SER A 127 0.68 -1.05 -13.68
C SER A 127 -0.48 -1.84 -14.29
N PHE A 128 -1.45 -1.09 -14.81
CA PHE A 128 -2.52 -1.69 -15.60
C PHE A 128 -1.98 -2.35 -16.87
N ASP A 129 -0.76 -2.01 -17.29
CA ASP A 129 -0.15 -2.66 -18.44
C ASP A 129 0.40 -4.05 -18.11
N GLU A 130 0.08 -4.57 -16.93
CA GLU A 130 0.28 -5.96 -16.52
C GLU A 130 1.74 -6.29 -16.26
N SER A 131 2.62 -5.30 -16.28
CA SER A 131 4.03 -5.50 -16.00
C SER A 131 4.37 -5.07 -14.58
N VAL A 132 5.48 -5.60 -14.08
CA VAL A 132 6.15 -5.13 -12.88
C VAL A 132 7.49 -4.56 -13.36
N ARG A 133 7.81 -3.34 -12.94
CA ARG A 133 9.06 -2.73 -13.37
C ARG A 133 9.94 -2.35 -12.18
N ILE A 134 11.25 -2.47 -12.38
CA ILE A 134 12.25 -2.15 -11.35
C ILE A 134 13.07 -0.97 -11.87
N TRP A 135 13.10 0.10 -11.08
CA TRP A 135 13.73 1.35 -11.50
C TRP A 135 14.89 1.70 -10.59
N ASP A 136 15.91 2.32 -11.18
CA ASP A 136 17.05 2.81 -10.41
C ASP A 136 16.75 4.19 -9.86
N VAL A 137 16.87 4.34 -8.53
CA VAL A 137 16.48 5.60 -7.87
C VAL A 137 17.33 6.77 -8.37
N LYS A 138 18.65 6.58 -8.48
CA LYS A 138 19.56 7.71 -8.75
C LYS A 138 19.40 8.25 -10.17
N THR A 139 19.26 7.39 -11.17
CA THR A 139 19.10 7.82 -12.55
C THR A 139 17.65 7.87 -13.01
N GLY A 140 16.72 7.30 -12.26
CA GLY A 140 15.33 7.31 -12.65
C GLY A 140 15.04 6.47 -13.87
N LYS A 141 15.88 5.47 -14.11
CA LYS A 141 15.71 4.65 -15.29
C LYS A 141 15.17 3.29 -15.00
N CYS A 142 14.47 2.76 -15.98
CA CYS A 142 13.90 1.42 -15.82
C CYS A 142 14.98 0.38 -16.03
N LEU A 143 15.26 -0.40 -14.98
CA LEU A 143 16.27 -1.45 -15.06
C LEU A 143 15.72 -2.74 -15.67
N LYS A 144 14.52 -3.15 -15.26
CA LYS A 144 13.88 -4.35 -15.81
C LYS A 144 12.38 -4.09 -15.96
N THR A 145 11.79 -4.77 -16.94
CA THR A 145 10.34 -4.90 -17.07
C THR A 145 9.98 -6.37 -16.96
N LEU A 146 9.13 -6.70 -16.00
CA LEU A 146 8.68 -8.06 -15.85
C LEU A 146 7.31 -8.31 -16.44
N PRO A 147 7.23 -9.26 -17.38
CA PRO A 147 5.92 -9.66 -17.89
C PRO A 147 5.31 -10.53 -16.81
N ALA A 148 4.80 -9.90 -15.77
CA ALA A 148 4.33 -10.62 -14.60
C ALA A 148 2.96 -11.21 -14.60
N HIS A 149 2.02 -10.49 -15.13
CA HIS A 149 0.66 -10.93 -15.02
C HIS A 149 -0.15 -10.78 -16.30
N SER A 150 -1.37 -11.25 -16.27
CA SER A 150 -2.23 -11.24 -17.44
C SER A 150 -3.37 -10.29 -17.25
N ASP A 151 -3.32 -9.53 -16.17
CA ASP A 151 -4.33 -8.57 -15.88
C ASP A 151 -3.62 -7.52 -15.06
N PRO A 152 -4.31 -6.43 -14.74
CA PRO A 152 -3.63 -5.35 -14.03
C PRO A 152 -2.97 -5.73 -12.70
N VAL A 153 -1.79 -5.19 -12.43
CA VAL A 153 -1.05 -5.47 -11.19
C VAL A 153 -1.43 -4.55 -10.04
N SER A 154 -1.92 -5.13 -8.96
CA SER A 154 -2.44 -4.39 -7.81
C SER A 154 -1.46 -3.95 -6.75
N ALA A 155 -0.46 -4.76 -6.48
CA ALA A 155 0.51 -4.46 -5.45
C ALA A 155 1.88 -5.00 -5.75
N VAL A 156 2.91 -4.33 -5.28
CA VAL A 156 4.28 -4.73 -5.47
C VAL A 156 5.01 -4.44 -4.17
N HIS A 157 5.78 -5.37 -3.68
CA HIS A 157 6.53 -5.18 -2.44
C HIS A 157 7.87 -5.89 -2.41
N PHE A 158 8.80 -5.33 -1.68
CA PHE A 158 10.10 -5.91 -1.56
C PHE A 158 10.17 -6.62 -0.25
N ASN A 159 11.02 -7.61 -0.16
CA ASN A 159 11.23 -8.32 1.09
C ASN A 159 12.31 -7.64 1.93
N ARG A 160 12.56 -8.12 3.13
CA ARG A 160 13.49 -7.45 4.04
C ARG A 160 14.89 -7.12 3.53
N ASP A 161 15.47 -7.97 2.69
CA ASP A 161 16.78 -7.70 2.13
C ASP A 161 16.70 -7.18 0.70
N GLY A 162 15.51 -7.07 0.16
CA GLY A 162 15.33 -6.64 -1.20
C GLY A 162 15.60 -7.69 -2.23
N SER A 163 15.87 -8.89 -1.79
CA SER A 163 16.19 -9.96 -2.71
C SER A 163 15.01 -10.45 -3.50
N LEU A 164 13.84 -10.17 -2.99
CA LEU A 164 12.65 -10.65 -3.63
C LEU A 164 11.61 -9.60 -3.77
N ILE A 165 10.76 -9.78 -4.77
CA ILE A 165 9.66 -8.90 -4.95
C ILE A 165 8.39 -9.72 -5.01
N VAL A 166 7.34 -9.26 -4.36
CA VAL A 166 6.05 -9.92 -4.43
C VAL A 166 5.07 -9.11 -5.30
N SER A 167 4.35 -9.79 -6.19
CA SER A 167 3.34 -9.14 -7.05
C SER A 167 1.95 -9.67 -6.85
N SER A 168 0.96 -8.84 -7.12
CA SER A 168 -0.43 -9.24 -7.03
C SER A 168 -1.17 -8.73 -8.24
N SER A 169 -2.10 -9.51 -8.76
CA SER A 169 -2.90 -9.07 -9.90
C SER A 169 -4.34 -9.56 -9.92
N TYR A 170 -5.14 -8.92 -10.75
CA TYR A 170 -6.53 -9.30 -10.92
C TYR A 170 -6.63 -10.60 -11.69
N ASP A 171 -5.49 -11.11 -12.14
CA ASP A 171 -5.43 -12.37 -12.83
C ASP A 171 -5.47 -13.50 -11.82
N GLY A 172 -5.47 -13.17 -10.54
CA GLY A 172 -5.62 -14.16 -9.49
C GLY A 172 -4.38 -14.72 -8.90
N LEU A 173 -3.27 -14.17 -9.31
CA LEU A 173 -2.02 -14.70 -8.87
C LEU A 173 -1.17 -13.79 -8.05
N CYS A 174 -0.36 -14.39 -7.20
CA CYS A 174 0.59 -13.64 -6.46
C CYS A 174 1.85 -14.28 -6.96
N ARG A 175 2.85 -13.47 -7.28
CA ARG A 175 4.10 -14.00 -7.74
C ARG A 175 5.30 -13.43 -7.03
N ILE A 176 6.34 -14.25 -6.90
CA ILE A 176 7.53 -13.85 -6.21
C ILE A 176 8.61 -13.79 -7.20
N TRP A 177 9.37 -12.72 -7.15
CA TRP A 177 10.37 -12.51 -8.12
C TRP A 177 11.76 -12.30 -7.58
N ASP A 178 12.74 -12.82 -8.28
CA ASP A 178 14.14 -12.57 -7.92
C ASP A 178 14.45 -11.18 -8.44
N THR A 179 14.84 -10.30 -7.55
CA THR A 179 15.06 -8.91 -7.92
C THR A 179 16.23 -8.75 -8.90
N ALA A 180 17.28 -9.52 -8.72
CA ALA A 180 18.45 -9.43 -9.58
C ALA A 180 18.25 -10.00 -10.96
N SER A 181 17.47 -11.04 -11.09
CA SER A 181 17.29 -11.70 -12.36
C SER A 181 15.97 -11.44 -13.03
N GLY A 182 14.94 -11.14 -12.25
CA GLY A 182 13.64 -10.93 -12.82
C GLY A 182 12.90 -12.20 -13.10
N GLN A 183 13.38 -13.28 -12.53
CA GLN A 183 12.76 -14.55 -12.76
C GLN A 183 11.65 -14.83 -11.74
N CYS A 184 10.60 -15.51 -12.20
CA CYS A 184 9.53 -15.87 -11.29
C CYS A 184 9.95 -17.06 -10.54
N LEU A 185 9.92 -16.92 -9.24
CA LEU A 185 10.33 -18.02 -8.38
C LEU A 185 9.15 -18.75 -7.75
N LYS A 186 7.95 -18.15 -7.81
CA LYS A 186 6.81 -18.77 -7.14
C LYS A 186 5.48 -18.21 -7.63
N THR A 187 4.50 -19.07 -7.86
CA THR A 187 3.17 -18.56 -8.22
C THR A 187 2.25 -19.15 -7.14
N LEU A 188 1.58 -18.27 -6.41
CA LEU A 188 0.65 -18.70 -5.37
C LEU A 188 -0.77 -18.39 -5.79
N ILE A 189 -1.63 -19.40 -5.71
CA ILE A 189 -3.07 -19.23 -5.89
C ILE A 189 -3.74 -20.31 -5.07
N ASP A 190 -4.94 -20.02 -4.59
CA ASP A 190 -5.68 -20.96 -3.78
C ASP A 190 -6.85 -21.56 -4.59
N ASP A 191 -7.77 -22.23 -3.89
CA ASP A 191 -8.72 -23.11 -4.55
C ASP A 191 -9.69 -22.35 -5.44
N ASP A 192 -10.06 -21.13 -5.07
CA ASP A 192 -10.75 -20.25 -5.99
C ASP A 192 -9.72 -19.29 -6.57
N ASN A 193 -10.07 -18.65 -7.68
CA ASN A 193 -9.12 -17.74 -8.32
C ASN A 193 -9.61 -16.29 -8.31
N PRO A 194 -9.98 -15.72 -7.17
CA PRO A 194 -10.45 -14.33 -7.16
C PRO A 194 -9.32 -13.36 -7.49
N PRO A 195 -9.65 -12.17 -8.00
CA PRO A 195 -8.62 -11.16 -8.22
C PRO A 195 -7.88 -10.85 -6.93
N VAL A 196 -6.55 -10.92 -6.97
CA VAL A 196 -5.74 -10.54 -5.82
C VAL A 196 -5.57 -9.03 -5.86
N SER A 197 -6.07 -8.36 -4.81
CA SER A 197 -6.12 -6.91 -4.80
C SER A 197 -5.02 -6.25 -3.98
N PHE A 198 -4.28 -7.00 -3.16
CA PHE A 198 -3.16 -6.43 -2.41
C PHE A 198 -2.24 -7.54 -1.94
N VAL A 199 -0.96 -7.21 -1.81
CA VAL A 199 0.02 -8.17 -1.31
C VAL A 199 1.15 -7.39 -0.65
N LYS A 200 1.72 -7.98 0.40
CA LYS A 200 2.96 -7.47 0.98
C LYS A 200 3.59 -8.55 1.86
N PHE A 201 4.91 -8.45 2.04
CA PHE A 201 5.67 -9.30 2.94
C PHE A 201 5.46 -8.89 4.39
N SER A 202 5.53 -9.89 5.28
CA SER A 202 5.50 -9.63 6.72
C SER A 202 6.81 -8.99 7.16
N PRO A 203 6.81 -8.29 8.30
CA PRO A 203 8.02 -7.56 8.69
C PRO A 203 9.24 -8.46 8.86
N ASN A 204 9.05 -9.70 9.30
CA ASN A 204 10.16 -10.64 9.35
C ASN A 204 10.45 -11.27 8.00
N GLY A 205 9.62 -11.01 6.99
CA GLY A 205 9.89 -11.47 5.65
C GLY A 205 9.58 -12.92 5.39
N LYS A 206 8.97 -13.63 6.34
CA LYS A 206 8.62 -15.04 6.14
C LYS A 206 7.30 -15.22 5.40
N TYR A 207 6.35 -14.31 5.58
CA TYR A 207 5.00 -14.46 5.07
C TYR A 207 4.66 -13.36 4.09
N ILE A 208 3.71 -13.65 3.21
CA ILE A 208 3.02 -12.61 2.46
C ILE A 208 1.58 -12.58 2.94
N LEU A 209 1.08 -11.37 3.18
CA LEU A 209 -0.32 -11.12 3.45
C LEU A 209 -0.95 -10.65 2.15
N ALA A 210 -2.03 -11.31 1.74
CA ALA A 210 -2.62 -11.05 0.44
C ALA A 210 -4.13 -10.90 0.56
N ALA A 211 -4.66 -9.93 -0.18
CA ALA A 211 -6.09 -9.63 -0.20
C ALA A 211 -6.65 -10.04 -1.54
N THR A 212 -7.88 -10.54 -1.53
CA THR A 212 -8.56 -10.90 -2.77
C THR A 212 -9.93 -10.24 -2.77
N LEU A 213 -10.56 -10.11 -3.93
CA LEU A 213 -11.84 -9.40 -4.00
C LEU A 213 -13.03 -10.25 -3.56
N ASP A 214 -12.77 -11.34 -2.86
CA ASP A 214 -13.86 -12.16 -2.32
C ASP A 214 -13.97 -11.98 -0.81
N ASN A 215 -13.66 -10.78 -0.32
CA ASN A 215 -13.83 -10.42 1.08
C ASN A 215 -12.87 -11.21 1.97
N THR A 216 -11.66 -11.49 1.48
CA THR A 216 -10.74 -12.36 2.21
C THR A 216 -9.33 -11.78 2.26
N LEU A 217 -8.74 -11.74 3.46
CA LEU A 217 -7.29 -11.63 3.63
C LEU A 217 -6.73 -13.00 3.97
N LYS A 218 -5.46 -13.23 3.61
CA LYS A 218 -4.80 -14.51 3.81
C LYS A 218 -3.32 -14.34 4.10
N LEU A 219 -2.83 -15.10 5.08
CA LEU A 219 -1.42 -15.13 5.41
C LEU A 219 -0.78 -16.38 4.82
N TRP A 220 0.19 -16.20 3.94
CA TRP A 220 0.86 -17.29 3.24
C TRP A 220 2.28 -17.47 3.74
N ASP A 221 2.69 -18.72 3.93
CA ASP A 221 4.10 -19.07 3.98
C ASP A 221 4.50 -19.33 2.53
N TYR A 222 5.20 -18.38 1.92
CA TYR A 222 5.42 -18.47 0.48
C TYR A 222 6.51 -19.46 0.13
N SER A 223 7.39 -19.78 1.07
CA SER A 223 8.37 -20.84 0.83
C SER A 223 7.68 -22.19 0.75
N LYS A 224 6.84 -22.48 1.72
CA LYS A 224 6.10 -23.73 1.72
C LYS A 224 4.91 -23.68 0.79
N GLY A 225 4.60 -22.51 0.28
CA GLY A 225 3.47 -22.37 -0.60
C GLY A 225 2.17 -22.67 0.07
N LYS A 226 2.02 -22.23 1.32
CA LYS A 226 0.82 -22.58 2.04
C LYS A 226 0.14 -21.46 2.78
N CYS A 227 -1.18 -21.44 2.70
CA CYS A 227 -1.95 -20.43 3.42
C CYS A 227 -2.06 -20.83 4.86
N LEU A 228 -1.50 -20.01 5.70
CA LEU A 228 -1.50 -20.25 7.13
C LEU A 228 -2.77 -19.75 7.80
N LYS A 229 -3.12 -18.50 7.58
CA LYS A 229 -4.23 -17.88 8.28
C LYS A 229 -5.17 -17.22 7.29
N THR A 230 -6.40 -17.05 7.73
CA THR A 230 -7.43 -16.38 6.96
C THR A 230 -8.08 -15.36 7.86
N TYR A 231 -8.27 -14.15 7.35
CA TYR A 231 -8.91 -13.08 8.10
C TYR A 231 -10.09 -12.59 7.29
N THR A 232 -11.30 -12.76 7.83
CA THR A 232 -12.54 -12.46 7.16
C THR A 232 -13.41 -11.66 8.11
N GLY A 233 -14.54 -11.17 7.61
CA GLY A 233 -15.45 -10.32 8.35
C GLY A 233 -15.69 -8.98 7.69
N HIS A 234 -14.69 -8.46 6.96
CA HIS A 234 -14.78 -7.18 6.28
C HIS A 234 -15.47 -7.32 4.92
N LYS A 235 -15.51 -6.22 4.19
CA LYS A 235 -16.16 -6.13 2.88
C LYS A 235 -15.12 -5.63 1.88
N ASN A 236 -14.83 -6.45 0.87
CA ASN A 236 -13.75 -6.15 -0.07
C ASN A 236 -13.82 -6.77 -1.48
N GLU A 237 -14.82 -6.35 -2.24
CA GLU A 237 -15.02 -6.87 -3.58
C GLU A 237 -14.71 -6.01 -4.79
N LYS A 238 -14.43 -4.71 -4.63
CA LYS A 238 -14.32 -3.78 -5.73
C LYS A 238 -13.00 -3.02 -5.80
N TYR A 239 -12.30 -2.86 -4.67
CA TYR A 239 -11.24 -1.88 -4.51
C TYR A 239 -9.99 -2.53 -3.96
N CYS A 240 -8.84 -1.94 -4.27
CA CYS A 240 -7.57 -2.43 -3.76
C CYS A 240 -7.28 -1.75 -2.43
N ILE A 241 -7.63 -2.43 -1.35
CA ILE A 241 -7.49 -1.91 0.00
C ILE A 241 -6.19 -2.45 0.59
N PHE A 242 -5.34 -1.54 1.06
CA PHE A 242 -4.14 -1.93 1.76
C PHE A 242 -4.49 -2.75 3.00
N ALA A 243 -3.58 -3.65 3.38
CA ALA A 243 -3.63 -4.27 4.69
C ALA A 243 -2.25 -4.15 5.32
N ASN A 244 -2.20 -4.25 6.64
CA ASN A 244 -0.98 -3.96 7.40
C ASN A 244 -0.79 -4.98 8.50
N PHE A 245 0.47 -5.27 8.78
CA PHE A 245 0.83 -5.85 10.05
C PHE A 245 1.03 -4.71 11.04
N SER A 246 0.32 -4.79 12.16
CA SER A 246 0.50 -3.89 13.30
C SER A 246 1.31 -4.61 14.36
N VAL A 247 2.45 -4.04 14.75
CA VAL A 247 3.38 -4.74 15.63
C VAL A 247 3.81 -3.91 16.83
N THR A 248 3.35 -2.68 16.96
CA THR A 248 3.86 -1.84 18.04
C THR A 248 3.25 -2.20 19.39
N GLY A 249 2.07 -2.81 19.37
CA GLY A 249 1.45 -3.26 20.59
C GLY A 249 1.09 -4.71 20.39
N GLY A 250 -0.18 -5.02 20.33
CA GLY A 250 -0.57 -6.37 20.00
C GLY A 250 -0.23 -6.67 18.56
N LYS A 251 -0.16 -7.93 18.22
CA LYS A 251 0.15 -8.34 16.85
C LYS A 251 -1.19 -8.45 16.11
N TRP A 252 -1.52 -7.42 15.36
CA TRP A 252 -2.80 -7.34 14.67
C TRP A 252 -2.62 -7.39 13.15
N ILE A 253 -3.73 -7.66 12.47
CA ILE A 253 -3.91 -7.36 11.05
C ILE A 253 -4.86 -6.18 10.95
N VAL A 254 -4.48 -5.16 10.19
CA VAL A 254 -5.27 -3.94 10.02
C VAL A 254 -5.63 -3.78 8.54
N SER A 255 -6.89 -3.51 8.26
CA SER A 255 -7.32 -3.29 6.89
C SER A 255 -8.57 -2.43 6.85
N GLY A 256 -8.66 -1.60 5.82
CA GLY A 256 -9.90 -0.92 5.53
C GLY A 256 -10.97 -1.89 5.05
N SER A 257 -12.12 -1.34 4.70
CA SER A 257 -13.25 -2.14 4.27
C SER A 257 -14.19 -1.26 3.48
N GLU A 258 -14.92 -1.90 2.57
CA GLU A 258 -15.92 -1.22 1.74
C GLU A 258 -17.23 -0.98 2.48
N ASP A 259 -17.31 -1.32 3.77
CA ASP A 259 -18.40 -0.92 4.63
C ASP A 259 -18.01 0.26 5.53
N ASN A 260 -17.01 1.03 5.09
CA ASN A 260 -16.59 2.28 5.72
C ASN A 260 -15.94 2.09 7.10
N LEU A 261 -15.49 0.87 7.41
CA LEU A 261 -14.90 0.60 8.73
C LEU A 261 -13.47 0.14 8.58
N VAL A 262 -12.70 0.31 9.64
CA VAL A 262 -11.36 -0.24 9.72
C VAL A 262 -11.44 -1.49 10.59
N TYR A 263 -10.89 -2.59 10.12
CA TYR A 263 -10.95 -3.85 10.84
C TYR A 263 -9.58 -4.18 11.39
N ILE A 264 -9.57 -4.67 12.63
CA ILE A 264 -8.37 -5.12 13.32
C ILE A 264 -8.59 -6.55 13.76
N TRP A 265 -7.70 -7.45 13.32
CA TRP A 265 -7.75 -8.85 13.71
C TRP A 265 -6.59 -9.19 14.62
N ASN A 266 -6.83 -10.07 15.58
CA ASN A 266 -5.74 -10.76 16.21
C ASN A 266 -5.05 -11.60 15.14
N LEU A 267 -3.74 -11.38 14.98
CA LEU A 267 -3.05 -12.04 13.86
C LEU A 267 -3.03 -13.55 14.05
N GLN A 268 -2.85 -14.02 15.29
CA GLN A 268 -2.70 -15.46 15.50
C GLN A 268 -4.04 -16.18 15.49
N THR A 269 -5.03 -15.64 16.19
CA THR A 269 -6.31 -16.32 16.35
C THR A 269 -7.31 -15.96 15.27
N LYS A 270 -7.02 -14.93 14.47
CA LYS A 270 -7.82 -14.51 13.32
C LYS A 270 -9.16 -13.89 13.71
N GLU A 271 -9.34 -13.52 14.97
CA GLU A 271 -10.57 -12.91 15.44
C GLU A 271 -10.52 -11.41 15.21
N ILE A 272 -11.66 -10.85 14.79
CA ILE A 272 -11.85 -9.40 14.82
C ILE A 272 -11.76 -8.92 16.26
N VAL A 273 -10.80 -8.05 16.55
CA VAL A 273 -10.64 -7.49 17.90
C VAL A 273 -11.14 -6.07 18.02
N GLN A 274 -11.46 -5.42 16.90
CA GLN A 274 -11.98 -4.06 16.90
C GLN A 274 -12.46 -3.75 15.48
N LYS A 275 -13.39 -2.82 15.36
CA LYS A 275 -13.73 -2.19 14.10
C LYS A 275 -13.78 -0.71 14.43
N LEU A 276 -13.30 0.13 13.52
CA LEU A 276 -13.23 1.56 13.74
C LEU A 276 -14.26 2.26 12.87
N GLN A 277 -15.08 3.12 13.46
CA GLN A 277 -16.16 3.79 12.71
C GLN A 277 -16.11 5.30 12.45
N GLY A 278 -16.48 5.72 11.24
CA GLY A 278 -16.59 7.13 10.91
C GLY A 278 -16.38 7.66 9.57
N HIS A 279 -15.79 6.86 8.76
CA HIS A 279 -15.61 7.27 7.42
C HIS A 279 -16.97 7.14 6.76
N THR A 280 -17.21 7.94 5.76
CA THR A 280 -18.50 7.97 5.11
C THR A 280 -18.35 7.34 3.78
N ASP A 281 -17.21 6.74 3.55
CA ASP A 281 -17.04 6.01 2.29
C ASP A 281 -16.08 4.85 2.54
N VAL A 282 -15.81 4.08 1.49
CA VAL A 282 -14.88 2.96 1.54
C VAL A 282 -13.56 3.39 2.17
N VAL A 283 -13.10 2.66 3.19
CA VAL A 283 -11.79 2.95 3.78
C VAL A 283 -10.74 2.26 2.91
N ILE A 284 -10.09 3.03 2.03
CA ILE A 284 -9.27 2.44 0.97
C ILE A 284 -7.86 2.09 1.45
N SER A 285 -7.35 2.83 2.44
CA SER A 285 -5.96 2.70 2.85
C SER A 285 -5.90 2.82 4.36
N THR A 286 -5.07 1.98 4.96
CA THR A 286 -4.71 2.12 6.35
C THR A 286 -3.20 1.98 6.47
N ALA A 287 -2.68 2.46 7.59
CA ALA A 287 -1.25 2.42 7.84
C ALA A 287 -1.04 2.39 9.34
N CYS A 288 0.04 1.72 9.75
CA CYS A 288 0.38 1.56 11.15
C CYS A 288 1.66 2.31 11.44
N HIS A 289 1.65 3.11 12.52
CA HIS A 289 2.81 3.90 12.85
C HIS A 289 3.97 3.00 13.26
N PRO A 290 5.20 3.31 12.82
CA PRO A 290 6.31 2.38 13.07
C PRO A 290 6.72 2.22 14.54
N THR A 291 6.34 3.12 15.44
CA THR A 291 6.66 2.92 16.86
C THR A 291 5.55 3.28 17.85
N GLU A 292 4.51 4.02 17.45
CA GLU A 292 3.37 4.28 18.33
C GLU A 292 2.21 3.41 17.86
N ASN A 293 1.25 3.20 18.75
CA ASN A 293 -0.02 2.57 18.41
C ASN A 293 -0.85 3.70 17.79
N ILE A 294 -0.58 3.97 16.53
CA ILE A 294 -1.32 4.96 15.77
C ILE A 294 -1.69 4.29 14.46
N ILE A 295 -2.95 4.36 14.09
CA ILE A 295 -3.45 3.90 12.80
C ILE A 295 -3.92 5.10 12.01
N ALA A 296 -3.44 5.23 10.79
CA ALA A 296 -3.98 6.20 9.84
C ALA A 296 -4.96 5.50 8.90
N SER A 297 -6.03 6.20 8.54
CA SER A 297 -7.00 5.64 7.61
C SER A 297 -7.52 6.73 6.69
N ALA A 298 -7.82 6.35 5.44
CA ALA A 298 -8.31 7.29 4.44
C ALA A 298 -9.45 6.66 3.65
N ALA A 299 -10.36 7.50 3.17
CA ALA A 299 -11.58 7.02 2.52
C ALA A 299 -11.82 7.76 1.20
N LEU A 300 -12.78 7.25 0.43
CA LEU A 300 -12.95 7.59 -0.99
C LEU A 300 -13.88 8.80 -1.19
N GLU A 301 -14.36 8.98 -2.43
CA GLU A 301 -14.93 10.24 -2.93
C GLU A 301 -15.96 10.89 -2.00
N ASN A 302 -16.78 10.13 -1.31
CA ASN A 302 -17.80 10.73 -0.49
C ASN A 302 -17.32 11.15 0.91
N ASP A 303 -16.05 10.94 1.23
CA ASP A 303 -15.49 11.31 2.52
C ASP A 303 -14.27 12.21 2.34
N LYS A 304 -13.29 11.77 1.57
CA LYS A 304 -12.10 12.58 1.27
C LYS A 304 -11.25 12.91 2.51
N THR A 305 -11.52 12.29 3.66
CA THR A 305 -10.75 12.61 4.86
C THR A 305 -9.80 11.48 5.26
N ILE A 306 -8.80 11.86 6.04
CA ILE A 306 -7.87 10.95 6.71
C ILE A 306 -8.20 10.99 8.19
N LYS A 307 -8.03 9.87 8.88
CA LYS A 307 -8.28 9.85 10.31
C LYS A 307 -7.12 9.18 11.04
N LEU A 308 -6.74 9.75 12.18
CA LEU A 308 -5.69 9.21 13.02
C LEU A 308 -6.35 8.64 14.27
N TRP A 309 -6.20 7.34 14.47
CA TRP A 309 -6.70 6.65 15.64
C TRP A 309 -5.51 6.25 16.49
N LYS A 310 -5.71 6.27 17.81
CA LYS A 310 -4.67 5.87 18.75
C LYS A 310 -5.27 4.91 19.77
N SER A 311 -4.45 3.95 20.20
CA SER A 311 -4.80 3.00 21.24
C SER A 311 -3.90 3.24 22.44
C ACE B 1 -6.98 6.46 -9.43
O ACE B 1 -8.07 6.40 -8.85
CH3 ACE B 1 -6.00 7.57 -9.22
N MET B 2 -6.62 5.50 -10.28
CA MET B 2 -7.54 4.40 -10.54
C MET B 2 -7.85 3.55 -9.30
N ARG B 3 -7.03 3.63 -8.24
CA ARG B 3 -7.35 2.92 -7.01
C ARG B 3 -8.67 3.41 -6.41
N THR B 4 -9.00 4.68 -6.60
CA THR B 4 -10.23 5.23 -6.03
C THR B 4 -11.46 4.94 -6.89
N GLU B 5 -11.29 4.16 -7.93
CA GLU B 5 -12.39 3.83 -8.81
C GLU B 5 -12.70 2.36 -8.72
N PRO B 6 -13.99 2.01 -8.81
CA PRO B 6 -14.37 0.60 -8.71
C PRO B 6 -13.89 -0.26 -9.88
#